data_1Y58
#
_entry.id   1Y58
#
_entity_poly.entity_id   1
_entity_poly.type   'polypeptide(L)'
_entity_poly.pdbx_seq_one_letter_code
;CRRWQWRMKKLGC(NH2)
;
_entity_poly.pdbx_strand_id   A
#
loop_
_chem_comp.id
_chem_comp.type
_chem_comp.name
_chem_comp.formula
NH2 non-polymer 'AMINO GROUP' 'H2 N'
#
# COMPACT_ATOMS: atom_id res chain seq x y z
N CYS A 1 -3.63 -0.01 -3.48
CA CYS A 1 -2.46 0.57 -4.20
C CYS A 1 -1.82 -0.48 -5.11
N ARG A 2 -1.73 -1.72 -4.62
CA ARG A 2 -1.14 -2.80 -5.40
C ARG A 2 -1.46 -4.16 -4.80
N ARG A 3 -1.01 -4.40 -3.57
CA ARG A 3 -1.25 -5.68 -2.91
C ARG A 3 -0.76 -5.68 -1.47
N TRP A 4 -0.78 -4.51 -0.84
CA TRP A 4 -0.33 -4.37 0.54
C TRP A 4 -0.57 -2.97 1.07
N GLN A 5 -0.04 -1.97 0.37
CA GLN A 5 -0.21 -0.59 0.78
C GLN A 5 -1.51 0.00 0.25
N TRP A 6 -2.61 -0.74 0.41
CA TRP A 6 -3.92 -0.24 -0.04
C TRP A 6 -4.48 0.70 1.01
N ARG A 7 -4.38 0.27 2.26
CA ARG A 7 -4.84 1.05 3.40
C ARG A 7 -3.61 1.54 4.16
N MET A 8 -2.67 0.62 4.34
CA MET A 8 -1.42 0.90 5.03
C MET A 8 -0.35 1.33 4.02
N LYS A 9 -0.58 2.48 3.38
CA LYS A 9 0.34 3.01 2.38
C LYS A 9 1.64 3.52 2.99
N LYS A 10 2.35 2.64 3.68
CA LYS A 10 3.63 3.00 4.29
C LYS A 10 4.75 2.91 3.27
N LEU A 11 4.82 1.79 2.56
CA LEU A 11 5.84 1.58 1.54
C LEU A 11 5.38 2.16 0.20
N GLY A 12 4.10 2.46 0.11
CA GLY A 12 3.54 3.00 -1.12
C GLY A 12 3.36 1.94 -2.19
N CYS A 13 3.09 0.72 -1.74
CA CYS A 13 2.88 -0.43 -2.62
C CYS A 13 3.92 -0.45 -3.73
N NH2 A 14 5.18 -0.73 -3.42
HN1 NH2 A 14 5.34 -1.18 -2.57
HN2 NH2 A 14 5.88 -0.47 -4.05
N CYS A 1 -3.67 -0.01 -3.63
CA CYS A 1 -2.50 0.51 -4.38
C CYS A 1 -1.93 -0.56 -5.29
N ARG A 2 -1.87 -1.79 -4.79
CA ARG A 2 -1.35 -2.91 -5.57
C ARG A 2 -1.72 -4.25 -4.92
N ARG A 3 -1.22 -4.49 -3.71
CA ARG A 3 -1.51 -5.72 -3.00
C ARG A 3 -0.93 -5.70 -1.58
N TRP A 4 -0.90 -4.52 -0.98
CA TRP A 4 -0.39 -4.37 0.38
C TRP A 4 -0.57 -2.94 0.89
N GLN A 5 -0.06 -1.97 0.15
CA GLN A 5 -0.18 -0.57 0.56
C GLN A 5 -1.48 0.05 0.06
N TRP A 6 -2.59 -0.66 0.25
CA TRP A 6 -3.89 -0.15 -0.16
C TRP A 6 -4.42 0.80 0.91
N ARG A 7 -4.27 0.39 2.16
CA ARG A 7 -4.68 1.17 3.30
C ARG A 7 -3.42 1.62 4.04
N MET A 8 -2.51 0.66 4.22
CA MET A 8 -1.23 0.89 4.86
C MET A 8 -0.20 1.33 3.83
N LYS A 9 -0.44 2.49 3.22
CA LYS A 9 0.45 3.03 2.19
C LYS A 9 1.78 3.50 2.75
N LYS A 10 2.50 2.60 3.41
CA LYS A 10 3.80 2.93 3.99
C LYS A 10 4.89 2.83 2.93
N LEU A 11 4.87 1.73 2.19
CA LEU A 11 5.86 1.50 1.13
C LEU A 11 5.36 2.07 -0.19
N GLY A 12 4.07 2.35 -0.25
CA GLY A 12 3.46 2.88 -1.47
C GLY A 12 3.30 1.81 -2.53
N CYS A 13 3.11 0.58 -2.08
CA CYS A 13 2.93 -0.57 -2.97
C CYS A 13 3.91 -0.53 -4.14
N NH2 A 14 5.21 -0.41 -3.88
HN1 NH2 A 14 5.49 -0.41 -2.94
HN2 NH2 A 14 5.83 -0.32 -4.63
N CYS A 1 -3.88 0.02 -3.30
CA CYS A 1 -2.82 0.64 -4.12
C CYS A 1 -2.24 -0.38 -5.11
N ARG A 2 -2.08 -1.62 -4.64
CA ARG A 2 -1.54 -2.68 -5.48
C ARG A 2 -1.80 -4.06 -4.88
N ARG A 3 -1.30 -4.30 -3.67
CA ARG A 3 -1.49 -5.60 -3.01
C ARG A 3 -0.94 -5.60 -1.59
N TRP A 4 -0.94 -4.43 -0.94
CA TRP A 4 -0.45 -4.32 0.43
C TRP A 4 -0.66 -2.93 0.99
N GLN A 5 -0.19 -1.91 0.29
CA GLN A 5 -0.34 -0.54 0.73
C GLN A 5 -1.66 0.04 0.27
N TRP A 6 -2.76 -0.66 0.53
CA TRP A 6 -4.08 -0.18 0.16
C TRP A 6 -4.60 0.75 1.24
N ARG A 7 -4.40 0.34 2.49
CA ARG A 7 -4.79 1.13 3.64
C ARG A 7 -3.53 1.57 4.37
N MET A 8 -2.61 0.62 4.50
CA MET A 8 -1.32 0.85 5.14
C MET A 8 -0.29 1.31 4.11
N LYS A 9 -0.62 2.41 3.43
CA LYS A 9 0.24 2.99 2.39
C LYS A 9 1.55 3.53 2.95
N LYS A 10 2.36 2.67 3.55
CA LYS A 10 3.64 3.09 4.11
C LYS A 10 4.71 3.03 3.04
N LEU A 11 4.74 1.95 2.27
CA LEU A 11 5.70 1.77 1.20
C LEU A 11 5.16 2.34 -0.11
N GLY A 12 3.86 2.65 -0.12
CA GLY A 12 3.23 3.17 -1.31
C GLY A 12 3.06 2.12 -2.38
N CYS A 13 2.78 0.90 -1.94
CA CYS A 13 2.58 -0.25 -2.82
C CYS A 13 3.59 -0.25 -3.96
N NH2 A 14 4.87 -0.51 -3.69
HN1 NH2 A 14 5.06 -0.97 -2.85
HN2 NH2 A 14 5.55 -0.24 -4.33
N CYS A 1 -3.83 0.26 -3.68
CA CYS A 1 -2.61 0.76 -4.38
C CYS A 1 -2.07 -0.30 -5.34
N ARG A 2 -2.03 -1.54 -4.86
CA ARG A 2 -1.55 -2.65 -5.69
C ARG A 2 -1.92 -4.00 -5.08
N ARG A 3 -1.36 -4.31 -3.91
CA ARG A 3 -1.66 -5.57 -3.24
C ARG A 3 -1.00 -5.65 -1.86
N TRP A 4 -0.91 -4.51 -1.19
CA TRP A 4 -0.31 -4.45 0.15
C TRP A 4 -0.46 -3.06 0.75
N GLN A 5 -0.08 -2.04 -0.01
CA GLN A 5 -0.17 -0.68 0.47
C GLN A 5 -1.48 -0.02 0.06
N TRP A 6 -2.59 -0.74 0.23
CA TRP A 6 -3.90 -0.20 -0.10
C TRP A 6 -4.37 0.71 1.04
N ARG A 7 -4.20 0.21 2.25
CA ARG A 7 -4.55 0.95 3.45
C ARG A 7 -3.25 1.39 4.12
N MET A 8 -2.32 0.44 4.22
CA MET A 8 -1.01 0.70 4.79
C MET A 8 -0.09 1.28 3.73
N LYS A 9 -0.46 2.44 3.20
CA LYS A 9 0.31 3.11 2.14
C LYS A 9 1.63 3.68 2.66
N LYS A 10 2.40 2.86 3.36
CA LYS A 10 3.69 3.28 3.88
C LYS A 10 4.77 3.14 2.80
N LEU A 11 4.78 1.99 2.14
CA LEU A 11 5.74 1.72 1.08
C LEU A 11 5.25 2.26 -0.25
N GLY A 12 3.94 2.47 -0.32
CA GLY A 12 3.32 2.98 -1.53
C GLY A 12 3.17 1.92 -2.59
N CYS A 13 3.01 0.67 -2.15
CA CYS A 13 2.84 -0.47 -3.04
C CYS A 13 3.80 -0.40 -4.21
N NH2 A 14 5.09 -0.28 -3.97
HN1 NH2 A 14 5.41 -0.34 -3.04
HN2 NH2 A 14 5.70 -0.12 -4.73
N CYS A 1 -3.93 -0.01 -3.68
CA CYS A 1 -2.77 0.53 -4.43
C CYS A 1 -2.17 -0.55 -5.34
N ARG A 2 -2.03 -1.75 -4.80
CA ARG A 2 -1.47 -2.86 -5.57
C ARG A 2 -1.79 -4.20 -4.91
N ARG A 3 -1.26 -4.42 -3.70
CA ARG A 3 -1.51 -5.67 -2.97
C ARG A 3 -0.91 -5.63 -1.57
N TRP A 4 -0.89 -4.45 -0.96
CA TRP A 4 -0.35 -4.29 0.38
C TRP A 4 -0.58 -2.88 0.91
N GLN A 5 -0.14 -1.88 0.16
CA GLN A 5 -0.31 -0.49 0.57
C GLN A 5 -1.64 0.09 0.10
N TRP A 6 -2.72 -0.61 0.40
CA TRP A 6 -4.06 -0.14 0.02
C TRP A 6 -4.58 0.82 1.08
N ARG A 7 -4.41 0.40 2.34
CA ARG A 7 -4.81 1.20 3.48
C ARG A 7 -3.56 1.64 4.23
N MET A 8 -2.65 0.68 4.42
CA MET A 8 -1.39 0.93 5.09
C MET A 8 -0.33 1.33 4.07
N LYS A 9 -0.57 2.44 3.38
CA LYS A 9 0.33 2.95 2.35
C LYS A 9 1.66 3.42 2.94
N LYS A 10 2.45 2.49 3.47
CA LYS A 10 3.74 2.83 4.04
C LYS A 10 4.81 2.90 2.94
N LEU A 11 4.82 1.89 2.08
CA LEU A 11 5.77 1.82 0.98
C LEU A 11 5.17 2.38 -0.30
N GLY A 12 3.85 2.57 -0.29
CA GLY A 12 3.16 3.11 -1.46
C GLY A 12 3.00 2.07 -2.54
N CYS A 13 2.89 0.81 -2.13
CA CYS A 13 2.73 -0.32 -3.04
C CYS A 13 3.68 -0.20 -4.23
N NH2 A 14 4.98 -0.07 -3.99
HN1 NH2 A 14 5.28 -0.09 -3.04
HN2 NH2 A 14 5.58 0.06 -4.75
N CYS A 1 -3.68 0.10 -3.45
CA CYS A 1 -2.51 0.65 -4.19
C CYS A 1 -1.94 -0.39 -5.13
N ARG A 2 -1.87 -1.64 -4.67
CA ARG A 2 -1.34 -2.74 -5.48
C ARG A 2 -1.69 -4.09 -4.86
N ARG A 3 -1.18 -4.34 -3.65
CA ARG A 3 -1.44 -5.60 -2.96
C ARG A 3 -0.84 -5.60 -1.56
N TRP A 4 -0.77 -4.42 -0.95
CA TRP A 4 -0.23 -4.28 0.41
C TRP A 4 -0.40 -2.88 0.94
N GLN A 5 0.03 -1.88 0.18
CA GLN A 5 -0.08 -0.49 0.60
C GLN A 5 -1.40 0.15 0.17
N TRP A 6 -2.49 -0.61 0.23
CA TRP A 6 -3.79 -0.08 -0.12
C TRP A 6 -4.29 0.79 1.03
N ARG A 7 -4.11 0.28 2.23
CA ARG A 7 -4.47 0.97 3.45
C ARG A 7 -3.18 1.39 4.15
N MET A 8 -2.25 0.45 4.20
CA MET A 8 -0.94 0.67 4.79
C MET A 8 -0.01 1.32 3.77
N LYS A 9 -0.38 2.50 3.30
CA LYS A 9 0.38 3.22 2.29
C LYS A 9 1.72 3.74 2.82
N LYS A 10 2.48 2.88 3.47
CA LYS A 10 3.78 3.26 4.00
C LYS A 10 4.85 3.15 2.91
N LEU A 11 4.84 2.02 2.20
CA LEU A 11 5.79 1.78 1.12
C LEU A 11 5.27 2.34 -0.20
N GLY A 12 3.97 2.58 -0.24
CA GLY A 12 3.33 3.10 -1.44
C GLY A 12 3.21 2.03 -2.52
N CYS A 13 3.11 0.78 -2.09
CA CYS A 13 2.98 -0.36 -2.98
C CYS A 13 3.92 -0.24 -4.17
N NH2 A 14 5.22 -0.15 -3.94
HN1 NH2 A 14 5.54 -0.28 -3.02
HN2 NH2 A 14 5.82 0.04 -4.70
N CYS A 1 -3.96 0.01 -3.20
CA CYS A 1 -2.90 0.62 -4.04
C CYS A 1 -2.30 -0.42 -4.98
N ARG A 2 -2.11 -1.63 -4.49
CA ARG A 2 -1.54 -2.71 -5.30
C ARG A 2 -1.80 -4.08 -4.67
N ARG A 3 -1.29 -4.30 -3.47
CA ARG A 3 -1.46 -5.58 -2.79
C ARG A 3 -0.88 -5.56 -1.37
N TRP A 4 -0.89 -4.38 -0.75
CA TRP A 4 -0.37 -4.22 0.61
C TRP A 4 -0.61 -2.82 1.14
N GLN A 5 -0.13 -1.82 0.42
CA GLN A 5 -0.30 -0.44 0.85
C GLN A 5 -1.62 0.14 0.38
N TRP A 6 -2.72 -0.56 0.67
CA TRP A 6 -4.04 -0.08 0.29
C TRP A 6 -4.57 0.85 1.37
N ARG A 7 -4.43 0.40 2.61
CA ARG A 7 -4.85 1.18 3.77
C ARG A 7 -3.61 1.65 4.50
N MET A 8 -2.65 0.72 4.62
CA MET A 8 -1.38 0.99 5.27
C MET A 8 -0.33 1.44 4.25
N LYS A 9 -0.64 2.52 3.53
CA LYS A 9 0.23 3.07 2.50
C LYS A 9 1.54 3.60 3.09
N LYS A 10 2.37 2.69 3.59
CA LYS A 10 3.66 3.07 4.15
C LYS A 10 4.72 3.11 3.06
N LEU A 11 4.75 2.08 2.22
CA LEU A 11 5.71 1.98 1.13
C LEU A 11 5.11 2.52 -0.17
N GLY A 12 3.81 2.79 -0.14
CA GLY A 12 3.12 3.29 -1.32
C GLY A 12 2.92 2.21 -2.36
N CYS A 13 2.73 0.99 -1.87
CA CYS A 13 2.52 -0.19 -2.73
C CYS A 13 3.51 -0.21 -3.87
N NH2 A 14 4.78 -0.50 -3.62
HN1 NH2 A 14 4.97 -1.02 -2.79
HN2 NH2 A 14 5.46 -0.19 -4.23
N CYS A 1 -3.65 0.08 -3.72
CA CYS A 1 -2.50 0.66 -4.46
C CYS A 1 -1.84 -0.40 -5.32
N ARG A 2 -1.73 -1.62 -4.79
CA ARG A 2 -1.11 -2.73 -5.53
C ARG A 2 -1.47 -4.08 -4.93
N ARG A 3 -1.06 -4.30 -3.68
CA ARG A 3 -1.33 -5.58 -3.01
C ARG A 3 -0.85 -5.56 -1.56
N TRP A 4 -0.88 -4.37 -0.94
CA TRP A 4 -0.44 -4.23 0.44
C TRP A 4 -0.68 -2.81 0.96
N GLN A 5 -0.13 -1.83 0.26
CA GLN A 5 -0.30 -0.45 0.66
C GLN A 5 -1.58 0.14 0.10
N TRP A 6 -2.70 -0.52 0.38
CA TRP A 6 -4.00 -0.03 -0.08
C TRP A 6 -4.57 0.93 0.94
N ARG A 7 -4.34 0.60 2.20
CA ARG A 7 -4.78 1.42 3.32
C ARG A 7 -3.55 1.81 4.15
N MET A 8 -2.67 0.82 4.33
CA MET A 8 -1.43 1.03 5.06
C MET A 8 -0.33 1.47 4.09
N LYS A 9 -0.61 2.54 3.35
CA LYS A 9 0.30 3.08 2.34
C LYS A 9 1.58 3.65 2.97
N LYS A 10 2.37 2.79 3.59
CA LYS A 10 3.63 3.21 4.19
C LYS A 10 4.75 3.15 3.16
N LEU A 11 4.78 2.05 2.40
CA LEU A 11 5.77 1.85 1.36
C LEU A 11 5.29 2.42 0.04
N GLY A 12 3.99 2.68 -0.05
CA GLY A 12 3.41 3.21 -1.26
C GLY A 12 3.25 2.14 -2.32
N CYS A 13 2.96 0.93 -1.86
CA CYS A 13 2.78 -0.23 -2.74
C CYS A 13 3.84 -0.27 -3.82
N NH2 A 14 5.09 -0.61 -3.48
HN1 NH2 A 14 5.21 -1.12 -2.66
HN2 NH2 A 14 5.82 -0.31 -4.06
N CYS A 1 -3.76 0.22 -3.65
CA CYS A 1 -2.56 0.84 -4.28
C CYS A 1 -1.87 -0.13 -5.21
N ARG A 2 -1.75 -1.38 -4.77
CA ARG A 2 -1.10 -2.42 -5.57
C ARG A 2 -1.44 -3.82 -5.06
N ARG A 3 -1.00 -4.14 -3.85
CA ARG A 3 -1.26 -5.46 -3.26
C ARG A 3 -0.75 -5.54 -1.84
N TRP A 4 -0.75 -4.41 -1.12
CA TRP A 4 -0.28 -4.36 0.25
C TRP A 4 -0.52 -3.00 0.88
N GLN A 5 -0.04 -1.95 0.22
CA GLN A 5 -0.22 -0.60 0.73
C GLN A 5 -1.50 0.03 0.21
N TRP A 6 -2.61 -0.68 0.37
CA TRP A 6 -3.90 -0.16 -0.07
C TRP A 6 -4.46 0.75 1.02
N ARG A 7 -4.37 0.26 2.26
CA ARG A 7 -4.82 1.02 3.42
C ARG A 7 -3.59 1.42 4.22
N MET A 8 -2.66 0.48 4.33
CA MET A 8 -1.41 0.70 5.04
C MET A 8 -0.33 1.20 4.07
N LYS A 9 -0.62 2.33 3.43
CA LYS A 9 0.29 2.94 2.46
C LYS A 9 1.57 3.47 3.10
N LYS A 10 2.34 2.59 3.72
CA LYS A 10 3.59 2.98 4.35
C LYS A 10 4.73 2.91 3.32
N LEU A 11 4.77 1.82 2.57
CA LEU A 11 5.79 1.62 1.55
C LEU A 11 5.33 2.20 0.22
N GLY A 12 4.07 2.62 0.18
CA GLY A 12 3.50 3.19 -1.03
C GLY A 12 3.30 2.15 -2.12
N CYS A 13 3.00 0.93 -1.69
CA CYS A 13 2.77 -0.20 -2.59
C CYS A 13 3.80 -0.23 -3.70
N NH2 A 14 5.04 -0.61 -3.41
HN1 NH2 A 14 5.18 -1.17 -2.62
HN2 NH2 A 14 5.77 -0.31 -3.99
N CYS A 1 -3.93 0.36 -3.42
CA CYS A 1 -2.76 0.90 -4.17
C CYS A 1 -2.21 -0.14 -5.14
N ARG A 2 -2.12 -1.39 -4.68
CA ARG A 2 -1.63 -2.48 -5.53
C ARG A 2 -1.98 -3.83 -4.94
N ARG A 3 -1.46 -4.13 -3.75
CA ARG A 3 -1.73 -5.40 -3.09
C ARG A 3 -1.13 -5.47 -1.68
N TRP A 4 -1.06 -4.30 -1.02
CA TRP A 4 -0.52 -4.23 0.34
C TRP A 4 -0.66 -2.83 0.92
N GLN A 5 -0.16 -1.82 0.20
CA GLN A 5 -0.24 -0.46 0.68
C GLN A 5 -1.54 0.21 0.25
N TRP A 6 -2.66 -0.47 0.48
CA TRP A 6 -3.96 0.09 0.14
C TRP A 6 -4.39 1.04 1.25
N ARG A 7 -4.31 0.54 2.48
CA ARG A 7 -4.64 1.32 3.65
C ARG A 7 -3.35 1.72 4.34
N MET A 8 -2.46 0.73 4.49
CA MET A 8 -1.16 0.94 5.10
C MET A 8 -0.15 1.36 4.05
N LYS A 9 -0.39 2.52 3.44
CA LYS A 9 0.48 3.05 2.40
C LYS A 9 1.84 3.49 2.93
N LYS A 10 2.58 2.54 3.48
CA LYS A 10 3.91 2.83 4.02
C LYS A 10 4.96 2.79 2.91
N LEU A 11 4.92 1.72 2.11
CA LEU A 11 5.86 1.55 1.01
C LEU A 11 5.28 2.11 -0.28
N GLY A 12 4.02 2.55 -0.21
CA GLY A 12 3.37 3.10 -1.39
C GLY A 12 3.14 2.05 -2.46
N CYS A 13 2.95 0.81 -2.03
CA CYS A 13 2.71 -0.31 -2.93
C CYS A 13 3.66 -0.26 -4.13
N NH2 A 14 4.94 -0.06 -3.92
HN1 NH2 A 14 5.25 0.00 -2.99
HN2 NH2 A 14 5.54 0.04 -4.69
N CYS A 1 -3.76 0.43 -3.55
CA CYS A 1 -2.59 1.01 -4.28
C CYS A 1 -2.02 0.01 -5.28
N ARG A 2 -1.94 -1.26 -4.86
CA ARG A 2 -1.42 -2.31 -5.73
C ARG A 2 -1.77 -3.69 -5.20
N ARG A 3 -1.28 -4.03 -4.00
CA ARG A 3 -1.56 -5.32 -3.40
C ARG A 3 -1.00 -5.43 -1.98
N TRP A 4 -0.92 -4.29 -1.29
CA TRP A 4 -0.41 -4.26 0.07
C TRP A 4 -0.59 -2.89 0.71
N GLN A 5 -0.09 -1.86 0.05
CA GLN A 5 -0.22 -0.50 0.56
C GLN A 5 -1.52 0.15 0.13
N TRP A 6 -2.63 -0.57 0.28
CA TRP A 6 -3.94 -0.02 -0.09
C TRP A 6 -4.44 0.86 1.04
N ARG A 7 -4.28 0.36 2.26
CA ARG A 7 -4.67 1.08 3.46
C ARG A 7 -3.41 1.43 4.22
N MET A 8 -2.53 0.44 4.36
CA MET A 8 -1.25 0.62 5.03
C MET A 8 -0.20 1.14 4.04
N LYS A 9 -0.47 2.31 3.48
CA LYS A 9 0.40 2.94 2.49
C LYS A 9 1.74 3.38 3.10
N LYS A 10 2.51 2.43 3.59
CA LYS A 10 3.81 2.74 4.19
C LYS A 10 4.88 2.78 3.11
N LEU A 11 4.87 1.78 2.23
CA LEU A 11 5.85 1.69 1.14
C LEU A 11 5.27 2.29 -0.14
N GLY A 12 3.99 2.63 -0.10
CA GLY A 12 3.34 3.20 -1.27
C GLY A 12 3.16 2.19 -2.39
N CYS A 13 2.97 0.93 -1.99
CA CYS A 13 2.78 -0.18 -2.92
C CYS A 13 3.79 -0.12 -4.05
N NH2 A 14 5.06 -0.35 -3.77
HN1 NH2 A 14 5.27 -0.82 -2.94
HN2 NH2 A 14 5.74 -0.04 -4.41
N CYS A 1 -3.77 -0.20 -3.71
CA CYS A 1 -2.57 0.32 -4.42
C CYS A 1 -1.95 -0.78 -5.30
N ARG A 2 -1.83 -1.98 -4.74
CA ARG A 2 -1.26 -3.11 -5.48
C ARG A 2 -1.58 -4.43 -4.80
N ARG A 3 -1.11 -4.62 -3.57
CA ARG A 3 -1.37 -5.85 -2.83
C ARG A 3 -0.84 -5.80 -1.40
N TRP A 4 -0.83 -4.60 -0.82
CA TRP A 4 -0.37 -4.41 0.56
C TRP A 4 -0.58 -2.98 1.04
N GLN A 5 -0.10 -2.01 0.27
CA GLN A 5 -0.24 -0.61 0.64
C GLN A 5 -1.54 -0.01 0.11
N TRP A 6 -2.66 -0.69 0.38
CA TRP A 6 -3.96 -0.19 -0.04
C TRP A 6 -4.49 0.78 0.99
N ARG A 7 -4.43 0.35 2.24
CA ARG A 7 -4.86 1.18 3.37
C ARG A 7 -3.61 1.64 4.13
N MET A 8 -2.72 0.69 4.36
CA MET A 8 -1.46 0.95 5.05
C MET A 8 -0.38 1.33 4.04
N LYS A 9 -0.62 2.43 3.33
CA LYS A 9 0.31 2.92 2.31
C LYS A 9 1.63 3.38 2.90
N LYS A 10 2.39 2.43 3.44
CA LYS A 10 3.69 2.74 4.03
C LYS A 10 4.77 2.79 2.97
N LEU A 11 4.81 1.76 2.13
CA LEU A 11 5.79 1.69 1.05
C LEU A 11 5.20 2.18 -0.26
N GLY A 12 3.90 2.45 -0.25
CA GLY A 12 3.22 2.92 -1.45
C GLY A 12 3.11 1.82 -2.49
N CYS A 13 3.01 0.58 -2.01
CA CYS A 13 2.89 -0.59 -2.85
C CYS A 13 3.88 -0.54 -4.02
N NH2 A 14 5.17 -0.33 -3.74
HN1 NH2 A 14 5.44 -0.29 -2.79
HN2 NH2 A 14 5.79 -0.23 -4.49
N CYS A 1 -3.86 -0.28 -3.34
CA CYS A 1 -2.77 0.27 -4.19
C CYS A 1 -2.20 -0.81 -5.12
N ARG A 2 -2.05 -2.02 -4.58
CA ARG A 2 -1.52 -3.12 -5.37
C ARG A 2 -1.75 -4.47 -4.69
N ARG A 3 -1.23 -4.62 -3.46
CA ARG A 3 -1.39 -5.87 -2.73
C ARG A 3 -0.83 -5.77 -1.32
N TRP A 4 -0.83 -4.56 -0.75
CA TRP A 4 -0.32 -4.35 0.60
C TRP A 4 -0.54 -2.92 1.06
N GLN A 5 -0.03 -1.96 0.29
CA GLN A 5 -0.18 -0.56 0.65
C GLN A 5 -1.52 -0.01 0.16
N TRP A 6 -2.60 -0.72 0.46
CA TRP A 6 -3.93 -0.26 0.06
C TRP A 6 -4.44 0.75 1.06
N ARG A 7 -4.26 0.43 2.33
CA ARG A 7 -4.65 1.29 3.43
C ARG A 7 -3.40 1.81 4.10
N MET A 8 -2.41 0.94 4.19
CA MET A 8 -1.12 1.26 4.78
C MET A 8 -0.12 1.63 3.69
N LYS A 9 -0.43 2.73 2.99
CA LYS A 9 0.41 3.21 1.88
C LYS A 9 1.74 3.78 2.37
N LYS A 10 2.49 2.99 3.11
CA LYS A 10 3.79 3.42 3.63
C LYS A 10 4.86 3.22 2.56
N LEU A 11 4.85 2.04 1.94
CA LEU A 11 5.81 1.71 0.90
C LEU A 11 5.31 2.15 -0.46
N GLY A 12 4.01 2.48 -0.51
CA GLY A 12 3.40 2.92 -1.75
C GLY A 12 3.18 1.78 -2.71
N CYS A 13 2.94 0.60 -2.16
CA CYS A 13 2.70 -0.61 -2.93
C CYS A 13 3.67 -0.73 -4.10
N NH2 A 14 4.95 -0.91 -3.85
HN1 NH2 A 14 5.21 -1.22 -2.96
HN2 NH2 A 14 5.60 -0.73 -4.58
N CYS A 1 -3.79 -0.02 -3.30
CA CYS A 1 -2.69 0.57 -4.13
C CYS A 1 -2.10 -0.49 -5.05
N ARG A 2 -1.94 -1.71 -4.54
CA ARG A 2 -1.40 -2.81 -5.33
C ARG A 2 -1.68 -4.17 -4.69
N ARG A 3 -1.21 -4.37 -3.46
CA ARG A 3 -1.42 -5.64 -2.77
C ARG A 3 -0.89 -5.60 -1.33
N TRP A 4 -0.88 -4.42 -0.73
CA TRP A 4 -0.38 -4.26 0.63
C TRP A 4 -0.59 -2.84 1.14
N GLN A 5 -0.08 -1.86 0.41
CA GLN A 5 -0.23 -0.48 0.81
C GLN A 5 -1.54 0.12 0.33
N TRP A 6 -2.64 -0.57 0.62
CA TRP A 6 -3.95 -0.07 0.23
C TRP A 6 -4.45 0.90 1.29
N ARG A 7 -4.39 0.44 2.53
CA ARG A 7 -4.77 1.26 3.68
C ARG A 7 -3.50 1.72 4.39
N MET A 8 -2.57 0.79 4.52
CA MET A 8 -1.28 1.05 5.16
C MET A 8 -0.25 1.48 4.11
N LYS A 9 -0.56 2.58 3.41
CA LYS A 9 0.32 3.11 2.37
C LYS A 9 1.63 3.68 2.93
N LYS A 10 2.43 2.82 3.54
CA LYS A 10 3.70 3.25 4.09
C LYS A 10 4.79 3.18 3.02
N LEU A 11 4.80 2.08 2.28
CA LEU A 11 5.77 1.88 1.21
C LEU A 11 5.23 2.39 -0.11
N GLY A 12 3.93 2.69 -0.13
CA GLY A 12 3.29 3.17 -1.34
C GLY A 12 3.12 2.07 -2.37
N CYS A 13 2.88 0.86 -1.87
CA CYS A 13 2.68 -0.33 -2.69
C CYS A 13 3.71 -0.38 -3.81
N NH2 A 14 4.97 -0.67 -3.52
HN1 NH2 A 14 5.14 -1.17 -2.69
HN2 NH2 A 14 5.67 -0.39 -4.13
N CYS A 1 -3.83 0.24 -3.68
CA CYS A 1 -2.68 0.83 -4.42
C CYS A 1 -2.06 -0.20 -5.35
N ARG A 2 -1.99 -1.45 -4.90
CA ARG A 2 -1.43 -2.53 -5.72
C ARG A 2 -1.78 -3.90 -5.14
N ARG A 3 -1.32 -4.18 -3.92
CA ARG A 3 -1.59 -5.46 -3.28
C ARG A 3 -1.06 -5.50 -1.84
N TRP A 4 -1.03 -4.33 -1.20
CA TRP A 4 -0.55 -4.25 0.18
C TRP A 4 -0.71 -2.84 0.74
N GLN A 5 -0.23 -1.84 0.02
CA GLN A 5 -0.33 -0.46 0.47
C GLN A 5 -1.64 0.18 0.00
N TRP A 6 -2.75 -0.53 0.15
CA TRP A 6 -4.04 0.01 -0.23
C TRP A 6 -4.57 0.88 0.90
N ARG A 7 -4.27 0.44 2.12
CA ARG A 7 -4.65 1.15 3.33
C ARG A 7 -3.38 1.51 4.08
N MET A 8 -2.47 0.54 4.10
CA MET A 8 -1.17 0.70 4.74
C MET A 8 -0.18 1.29 3.74
N LYS A 9 -0.52 2.45 3.20
CA LYS A 9 0.32 3.12 2.20
C LYS A 9 1.62 3.66 2.78
N LYS A 10 2.38 2.79 3.43
CA LYS A 10 3.65 3.17 4.01
C LYS A 10 4.75 3.10 2.95
N LEU A 11 4.76 1.99 2.21
CA LEU A 11 5.74 1.78 1.15
C LEU A 11 5.27 2.40 -0.15
N GLY A 12 3.96 2.61 -0.24
CA GLY A 12 3.37 3.19 -1.43
C GLY A 12 3.18 2.15 -2.52
N CYS A 13 2.88 0.92 -2.10
CA CYS A 13 2.65 -0.20 -2.98
C CYS A 13 3.69 -0.23 -4.11
N NH2 A 14 4.93 -0.58 -3.82
HN1 NH2 A 14 5.08 -1.13 -3.02
HN2 NH2 A 14 5.65 -0.29 -4.42
N CYS A 1 -3.78 0.54 -3.40
CA CYS A 1 -2.63 1.07 -4.18
C CYS A 1 -2.15 0.04 -5.20
N ARG A 2 -2.11 -1.23 -4.80
CA ARG A 2 -1.68 -2.30 -5.69
C ARG A 2 -2.07 -3.67 -5.13
N ARG A 3 -1.52 -4.01 -3.96
CA ARG A 3 -1.82 -5.30 -3.33
C ARG A 3 -1.17 -5.42 -1.96
N TRP A 4 -1.00 -4.28 -1.28
CA TRP A 4 -0.40 -4.27 0.04
C TRP A 4 -0.50 -2.90 0.69
N GLN A 5 -0.09 -1.86 -0.03
CA GLN A 5 -0.15 -0.51 0.49
C GLN A 5 -1.45 0.19 0.12
N TRP A 6 -2.57 -0.52 0.25
CA TRP A 6 -3.86 0.08 -0.05
C TRP A 6 -4.27 0.97 1.10
N ARG A 7 -4.12 0.43 2.31
CA ARG A 7 -4.41 1.16 3.53
C ARG A 7 -3.10 1.56 4.18
N MET A 8 -2.19 0.60 4.23
CA MET A 8 -0.85 0.80 4.79
C MET A 8 0.06 1.38 3.73
N LYS A 9 -0.26 2.59 3.26
CA LYS A 9 0.52 3.26 2.22
C LYS A 9 1.87 3.74 2.73
N LYS A 10 2.61 2.85 3.38
CA LYS A 10 3.93 3.21 3.90
C LYS A 10 4.98 3.04 2.80
N LEU A 11 4.92 1.90 2.12
CA LEU A 11 5.86 1.60 1.04
C LEU A 11 5.35 2.19 -0.28
N GLY A 12 4.07 2.51 -0.31
CA GLY A 12 3.46 3.07 -1.50
C GLY A 12 3.24 2.03 -2.58
N CYS A 13 3.00 0.80 -2.16
CA CYS A 13 2.76 -0.32 -3.05
C CYS A 13 3.73 -0.33 -4.22
N NH2 A 14 5.00 -0.60 -3.98
HN1 NH2 A 14 5.22 -1.09 -3.16
HN2 NH2 A 14 5.67 -0.32 -4.63
N CYS A 1 -3.77 -0.31 -3.04
CA CYS A 1 -3.12 0.23 -4.26
C CYS A 1 -2.67 -0.86 -5.22
N ARG A 2 -1.98 -1.86 -4.67
CA ARG A 2 -1.49 -2.96 -5.50
C ARG A 2 -1.65 -4.30 -4.80
N ARG A 3 -1.09 -4.44 -3.60
CA ARG A 3 -1.18 -5.71 -2.88
C ARG A 3 -0.61 -5.60 -1.47
N TRP A 4 -0.66 -4.41 -0.89
CA TRP A 4 -0.13 -4.20 0.46
C TRP A 4 -0.40 -2.79 0.96
N GLN A 5 0.05 -1.78 0.23
CA GLN A 5 -0.14 -0.40 0.62
C GLN A 5 -1.47 0.17 0.14
N TRP A 6 -2.55 -0.55 0.40
CA TRP A 6 -3.88 -0.09 0.01
C TRP A 6 -4.42 0.84 1.11
N ARG A 7 -4.22 0.40 2.34
CA ARG A 7 -4.62 1.17 3.52
C ARG A 7 -3.36 1.61 4.25
N MET A 8 -2.42 0.67 4.38
CA MET A 8 -1.14 0.91 5.02
C MET A 8 -0.12 1.39 3.99
N LYS A 9 -0.38 2.55 3.39
CA LYS A 9 0.49 3.12 2.37
C LYS A 9 1.81 3.64 2.96
N LYS A 10 2.54 2.75 3.63
CA LYS A 10 3.82 3.13 4.22
C LYS A 10 4.94 3.05 3.18
N LEU A 11 5.02 1.92 2.48
CA LEU A 11 6.02 1.73 1.45
C LEU A 11 5.59 2.40 0.16
N GLY A 12 4.29 2.58 0.03
CA GLY A 12 3.72 3.22 -1.14
C GLY A 12 3.46 2.25 -2.28
N CYS A 13 3.06 1.02 -1.92
CA CYS A 13 2.75 -0.02 -2.89
C CYS A 13 3.72 -0.01 -4.06
N NH2 A 14 4.99 -0.34 -3.84
HN1 NH2 A 14 5.21 -0.79 -3.00
HN2 NH2 A 14 5.65 -0.12 -4.53
N CYS A 1 -3.64 0.42 -3.69
CA CYS A 1 -2.42 0.91 -4.37
C CYS A 1 -1.87 -0.14 -5.34
N ARG A 2 -1.89 -1.40 -4.90
CA ARG A 2 -1.41 -2.50 -5.73
C ARG A 2 -1.85 -3.85 -5.16
N ARG A 3 -1.34 -4.19 -3.97
CA ARG A 3 -1.70 -5.45 -3.33
C ARG A 3 -1.11 -5.57 -1.93
N TRP A 4 -1.00 -4.43 -1.25
CA TRP A 4 -0.45 -4.38 0.11
C TRP A 4 -0.55 -3.00 0.72
N GLN A 5 -0.11 -1.99 0.00
CA GLN A 5 -0.16 -0.62 0.49
C GLN A 5 -1.43 0.11 0.06
N TRP A 6 -2.57 -0.57 0.15
CA TRP A 6 -3.84 0.07 -0.20
C TRP A 6 -4.27 0.95 0.96
N ARG A 7 -4.24 0.36 2.15
CA ARG A 7 -4.57 1.07 3.38
C ARG A 7 -3.27 1.42 4.09
N MET A 8 -2.41 0.41 4.20
CA MET A 8 -1.10 0.56 4.82
C MET A 8 -0.11 1.14 3.82
N LYS A 9 -0.41 2.36 3.36
CA LYS A 9 0.41 3.04 2.36
C LYS A 9 1.76 3.50 2.93
N LYS A 10 2.45 2.59 3.60
CA LYS A 10 3.75 2.90 4.19
C LYS A 10 4.84 2.80 3.12
N LEU A 11 4.81 1.70 2.37
CA LEU A 11 5.79 1.45 1.31
C LEU A 11 5.34 2.09 0.01
N GLY A 12 4.04 2.33 -0.09
CA GLY A 12 3.46 2.91 -1.28
C GLY A 12 3.32 1.91 -2.40
N CYS A 13 3.13 0.65 -2.02
CA CYS A 13 2.96 -0.45 -2.97
C CYS A 13 3.96 -0.35 -4.12
N NH2 A 14 5.25 -0.33 -3.85
HN1 NH2 A 14 5.54 -0.47 -2.91
HN2 NH2 A 14 5.89 -0.15 -4.57
N CYS A 1 -3.80 -0.09 -3.71
CA CYS A 1 -2.64 0.45 -4.44
C CYS A 1 -2.00 -0.63 -5.31
N ARG A 2 -1.89 -1.84 -4.76
CA ARG A 2 -1.30 -2.96 -5.49
C ARG A 2 -1.67 -4.29 -4.84
N ARG A 3 -1.17 -4.52 -3.62
CA ARG A 3 -1.47 -5.77 -2.91
C ARG A 3 -0.89 -5.76 -1.50
N TRP A 4 -0.86 -4.58 -0.89
CA TRP A 4 -0.34 -4.43 0.47
C TRP A 4 -0.55 -3.02 0.99
N GLN A 5 -0.13 -2.03 0.22
CA GLN A 5 -0.29 -0.63 0.63
C GLN A 5 -1.59 -0.04 0.12
N TRP A 6 -2.70 -0.69 0.45
CA TRP A 6 -4.01 -0.19 0.05
C TRP A 6 -4.55 0.73 1.12
N ARG A 7 -4.44 0.29 2.36
CA ARG A 7 -4.86 1.07 3.52
C ARG A 7 -3.62 1.55 4.26
N MET A 8 -2.68 0.62 4.42
CA MET A 8 -1.41 0.90 5.09
C MET A 8 -0.35 1.32 4.07
N LYS A 9 -0.62 2.39 3.35
CA LYS A 9 0.28 2.92 2.33
C LYS A 9 1.58 3.46 2.92
N LYS A 10 2.38 2.58 3.51
CA LYS A 10 3.65 2.98 4.08
C LYS A 10 4.74 3.00 3.02
N LEU A 11 4.76 1.95 2.20
CA LEU A 11 5.75 1.83 1.13
C LEU A 11 5.19 2.36 -0.18
N GLY A 12 3.87 2.57 -0.20
CA GLY A 12 3.22 3.07 -1.40
C GLY A 12 3.10 1.99 -2.45
N CYS A 13 2.90 0.76 -2.00
CA CYS A 13 2.76 -0.40 -2.86
C CYS A 13 3.78 -0.37 -4.01
N NH2 A 14 5.06 -0.34 -3.71
HN1 NH2 A 14 5.33 -0.45 -2.77
HN2 NH2 A 14 5.70 -0.21 -4.45
N CYS A 1 -3.79 0.39 -3.75
CA CYS A 1 -2.55 0.92 -4.38
C CYS A 1 -1.91 -0.13 -5.28
N ARG A 2 -1.84 -1.37 -4.78
CA ARG A 2 -1.26 -2.46 -5.55
C ARG A 2 -1.68 -3.82 -5.00
N ARG A 3 -1.22 -4.15 -3.80
CA ARG A 3 -1.57 -5.43 -3.18
C ARG A 3 -1.02 -5.52 -1.75
N TRP A 4 -0.93 -4.38 -1.07
CA TRP A 4 -0.44 -4.34 0.31
C TRP A 4 -0.61 -2.96 0.91
N GLN A 5 -0.14 -1.95 0.22
CA GLN A 5 -0.25 -0.58 0.70
C GLN A 5 -1.54 0.06 0.23
N TRP A 6 -2.67 -0.57 0.51
CA TRP A 6 -3.96 -0.02 0.11
C TRP A 6 -4.47 0.89 1.22
N ARG A 7 -4.39 0.40 2.44
CA ARG A 7 -4.80 1.16 3.62
C ARG A 7 -3.56 1.53 4.41
N MET A 8 -2.64 0.57 4.51
CA MET A 8 -1.39 0.76 5.22
C MET A 8 -0.29 1.20 4.24
N LYS A 9 -0.54 2.32 3.56
CA LYS A 9 0.39 2.86 2.56
C LYS A 9 1.70 3.33 3.20
N LYS A 10 2.47 2.40 3.74
CA LYS A 10 3.74 2.73 4.36
C LYS A 10 4.84 2.82 3.31
N LEU A 11 4.89 1.82 2.43
CA LEU A 11 5.87 1.77 1.36
C LEU A 11 5.31 2.39 0.08
N GLY A 12 4.00 2.59 0.06
CA GLY A 12 3.35 3.15 -1.11
C GLY A 12 3.21 2.13 -2.21
N CYS A 13 2.98 0.89 -1.80
CA CYS A 13 2.80 -0.23 -2.72
C CYS A 13 3.82 -0.18 -3.86
N NH2 A 14 5.12 -0.20 -3.55
HN1 NH2 A 14 5.37 -0.38 -2.62
HN2 NH2 A 14 5.76 -0.04 -4.28
#